data_7F13
#
_entry.id   7F13
#
_cell.length_a   104.999
_cell.length_b   104.999
_cell.length_c   139.958
_cell.angle_alpha   90.000
_cell.angle_beta   90.000
_cell.angle_gamma   120.000
#
_symmetry.space_group_name_H-M   'P 63 2 2'
#
loop_
_entity.id
_entity.type
_entity.pdbx_description
1 polymer Dcr3
2 non-polymer '4-(2-HYDROXYETHYL)-1-PIPERAZINE ETHANESULFONIC ACID'
3 water water
#
_entity_poly.entity_id   1
_entity_poly.type   'polypeptide(L)'
_entity_poly.pdbx_seq_one_letter_code
;MGSSHHHHHHSSGLVPRGSHMPAPAHVQRATIDAFLDGWDKWTPEAFLATWSEDCTQKTLPYSHNVPIRDRANTNHLFPI
LMSIMDNFQLKTHNIVHDAAENKAAVYCSTTADTPFGPYTNEHAIFLWFNEAGDKIVKIEEMFDQFTMKDFAPQLEKYAQ
FIDKKNARASKA
;
_entity_poly.pdbx_strand_id   A,B
#
# COMPACT_ATOMS: atom_id res chain seq x y z
N HIS A 9 -11.25 9.65 17.52
CA HIS A 9 -10.68 8.29 17.48
C HIS A 9 -10.35 7.87 16.04
N HIS A 10 -9.38 6.97 15.89
CA HIS A 10 -8.92 6.62 14.55
C HIS A 10 -9.85 5.63 13.86
N SER A 11 -10.43 4.69 14.61
CA SER A 11 -11.34 3.68 14.05
C SER A 11 -12.80 4.15 14.00
N SER A 12 -13.04 5.47 14.05
CA SER A 12 -14.42 5.97 14.05
C SER A 12 -15.20 5.53 12.82
N GLY A 13 -14.64 5.75 11.62
CA GLY A 13 -15.35 5.44 10.40
C GLY A 13 -15.13 4.03 9.89
N LEU A 14 -14.82 3.11 10.80
CA LEU A 14 -14.48 1.74 10.44
C LEU A 14 -15.65 0.80 10.72
N PRO A 22 1.71 -20.39 15.58
CA PRO A 22 1.04 -19.08 15.42
C PRO A 22 -0.07 -18.87 16.44
N ALA A 23 0.04 -17.79 17.20
CA ALA A 23 -0.89 -17.43 18.28
C ALA A 23 -2.31 -17.23 17.77
N PRO A 24 -3.32 -17.22 18.65
CA PRO A 24 -4.71 -17.07 18.19
C PRO A 24 -5.01 -15.67 17.66
N ALA A 25 -6.10 -15.60 16.89
CA ALA A 25 -6.44 -14.37 16.18
C ALA A 25 -6.62 -13.19 17.14
N HIS A 26 -7.43 -13.36 18.20
CA HIS A 26 -7.71 -12.24 19.07
C HIS A 26 -6.45 -11.70 19.73
N VAL A 27 -5.37 -12.46 19.75
CA VAL A 27 -4.13 -12.01 20.37
C VAL A 27 -3.35 -11.09 19.43
N GLN A 28 -3.20 -11.52 18.17
CA GLN A 28 -2.60 -10.69 17.15
C GLN A 28 -3.40 -9.40 16.96
N ARG A 29 -4.71 -9.53 16.81
CA ARG A 29 -5.54 -8.36 16.57
C ARG A 29 -5.38 -7.34 17.68
N ALA A 30 -5.27 -7.77 18.93
CA ALA A 30 -5.07 -6.81 20.01
C ALA A 30 -3.74 -6.12 19.87
N THR A 31 -2.75 -6.80 19.29
CA THR A 31 -1.48 -6.15 18.98
C THR A 31 -1.66 -5.09 17.88
N ILE A 32 -2.35 -5.46 16.80
CA ILE A 32 -2.73 -4.46 15.78
C ILE A 32 -3.39 -3.25 16.43
N ASP A 33 -4.43 -3.51 17.24
CA ASP A 33 -5.19 -2.40 17.84
C ASP A 33 -4.31 -1.55 18.74
N ALA A 34 -3.41 -2.18 19.52
CA ALA A 34 -2.49 -1.40 20.33
C ALA A 34 -1.46 -0.65 19.47
N PHE A 35 -1.15 -1.17 18.28
CA PHE A 35 -0.24 -0.46 17.39
C PHE A 35 -0.92 0.76 16.79
N LEU A 36 -2.14 0.59 16.27
CA LEU A 36 -2.90 1.75 15.80
C LEU A 36 -3.21 2.73 16.93
N ASP A 37 -3.55 2.22 18.12
CA ASP A 37 -3.87 3.10 19.24
C ASP A 37 -2.65 3.92 19.64
N GLY A 38 -1.49 3.27 19.74
CA GLY A 38 -0.28 3.99 20.09
C GLY A 38 0.10 5.00 19.03
N TRP A 39 -0.07 4.63 17.78
CA TRP A 39 0.15 5.59 16.70
C TRP A 39 -0.72 6.83 16.90
N ASP A 40 -2.03 6.63 17.05
CA ASP A 40 -2.94 7.76 17.27
C ASP A 40 -2.52 8.57 18.49
N LYS A 41 -2.12 7.90 19.57
CA LYS A 41 -1.67 8.62 20.76
C LYS A 41 -0.45 9.48 20.47
N TRP A 42 0.40 9.06 19.53
CA TRP A 42 1.44 9.94 18.98
C TRP A 42 2.44 10.38 20.05
N THR A 43 2.89 9.42 20.85
CA THR A 43 4.08 9.57 21.67
C THR A 43 5.02 8.40 21.39
N PRO A 44 6.34 8.57 21.57
CA PRO A 44 7.26 7.46 21.26
C PRO A 44 6.94 6.19 22.03
N GLU A 45 6.83 6.32 23.35
CA GLU A 45 6.56 5.18 24.22
C GLU A 45 5.25 4.48 23.86
N ALA A 46 4.20 5.23 23.56
CA ALA A 46 2.93 4.58 23.25
C ALA A 46 2.99 3.86 21.91
N PHE A 47 3.59 4.48 20.89
CA PHE A 47 3.60 3.89 19.56
C PHE A 47 4.57 2.72 19.49
N LEU A 48 5.75 2.88 20.07
CA LEU A 48 6.79 1.86 19.97
C LEU A 48 6.58 0.69 20.93
N ALA A 49 5.54 0.74 21.77
CA ALA A 49 5.34 -0.29 22.76
C ALA A 49 5.18 -1.66 22.11
N THR A 50 4.55 -1.72 20.94
CA THR A 50 4.27 -2.98 20.28
C THR A 50 5.40 -3.43 19.35
N TRP A 51 6.46 -2.65 19.22
CA TRP A 51 7.58 -2.99 18.34
C TRP A 51 8.60 -3.81 19.13
N SER A 52 8.89 -5.02 18.65
CA SER A 52 9.98 -5.79 19.23
C SER A 52 11.30 -5.01 19.11
N GLU A 53 12.32 -5.51 19.84
CA GLU A 53 13.64 -4.87 19.84
C GLU A 53 14.38 -5.01 18.53
N ASP A 54 14.03 -5.98 17.70
CA ASP A 54 14.65 -6.12 16.37
C ASP A 54 13.72 -5.64 15.25
N CYS A 55 12.61 -4.99 15.59
CA CYS A 55 11.63 -4.62 14.58
C CYS A 55 12.23 -3.65 13.58
N THR A 56 12.32 -4.06 12.31
CA THR A 56 12.80 -3.16 11.26
C THR A 56 11.62 -2.47 10.56
N GLN A 57 11.91 -1.35 9.90
CA GLN A 57 10.95 -0.63 9.05
C GLN A 57 11.55 -0.48 7.66
N LYS A 58 10.87 -0.96 6.63
CA LYS A 58 11.34 -0.80 5.26
C LYS A 58 10.34 0.04 4.48
N THR A 59 10.82 1.12 3.88
CA THR A 59 9.96 1.97 3.06
C THR A 59 9.83 1.39 1.65
N LEU A 60 8.59 1.19 1.21
CA LEU A 60 8.26 0.78 -0.14
C LEU A 60 7.92 2.01 -0.96
N PRO A 61 8.05 1.96 -2.30
CA PRO A 61 8.50 0.87 -3.18
C PRO A 61 9.98 0.56 -3.08
N TYR A 62 10.35 -0.70 -3.34
CA TYR A 62 11.76 -1.08 -3.36
C TYR A 62 12.56 -0.20 -4.32
N SER A 63 11.93 0.20 -5.43
CA SER A 63 12.61 1.00 -6.44
C SER A 63 13.11 2.34 -5.92
N HIS A 64 12.52 2.89 -4.85
CA HIS A 64 13.03 4.16 -4.35
C HIS A 64 14.27 4.01 -3.47
N ASN A 65 14.72 2.78 -3.22
CA ASN A 65 15.97 2.53 -2.47
C ASN A 65 16.06 3.34 -1.19
N VAL A 66 15.04 3.26 -0.35
CA VAL A 66 15.09 3.84 0.98
C VAL A 66 15.54 2.74 1.94
N PRO A 67 16.66 2.91 2.61
CA PRO A 67 17.27 1.76 3.32
C PRO A 67 16.41 1.31 4.50
N ILE A 68 16.36 0.00 4.71
CA ILE A 68 15.69 -0.53 5.89
C ILE A 68 16.27 0.15 7.14
N ARG A 69 15.43 0.37 8.15
CA ARG A 69 15.79 1.14 9.33
C ARG A 69 15.68 0.26 10.57
N ASP A 70 16.73 0.23 11.40
CA ASP A 70 16.72 -0.62 12.59
C ASP A 70 16.10 0.14 13.76
N ARG A 71 15.94 -0.55 14.90
CA ARG A 71 15.26 0.08 16.04
C ARG A 71 16.05 1.26 16.59
N ALA A 72 17.38 1.17 16.60
CA ALA A 72 18.19 2.29 17.07
C ALA A 72 17.82 3.56 16.32
N ASN A 73 17.74 3.47 14.99
CA ASN A 73 17.43 4.66 14.19
C ASN A 73 15.97 5.08 14.39
N THR A 74 15.04 4.13 14.49
CA THR A 74 13.66 4.47 14.79
C THR A 74 13.55 5.17 16.15
N ASN A 75 14.22 4.64 17.18
CA ASN A 75 14.09 5.21 18.52
C ASN A 75 14.63 6.62 18.56
N HIS A 76 15.63 6.91 17.73
CA HIS A 76 16.17 8.26 17.66
C HIS A 76 15.27 9.16 16.82
N LEU A 77 14.64 8.60 15.80
CA LEU A 77 13.86 9.38 14.84
C LEU A 77 12.53 9.85 15.43
N PHE A 78 11.78 8.93 16.06
CA PHE A 78 10.39 9.22 16.40
C PHE A 78 10.22 10.38 17.39
N PRO A 79 10.98 10.47 18.48
CA PRO A 79 10.85 11.66 19.34
C PRO A 79 10.95 12.96 18.56
N ILE A 80 11.88 13.05 17.61
CA ILE A 80 12.04 14.25 16.80
C ILE A 80 10.84 14.44 15.87
N LEU A 81 10.45 13.37 15.18
CA LEU A 81 9.34 13.45 14.25
C LEU A 81 8.04 13.83 14.95
N MET A 82 7.76 13.20 16.09
CA MET A 82 6.51 13.51 16.75
C MET A 82 6.49 14.93 17.27
N SER A 83 7.65 15.45 17.67
CA SER A 83 7.74 16.81 18.19
C SER A 83 7.48 17.88 17.13
N ILE A 84 7.47 17.55 15.85
CA ILE A 84 7.23 18.54 14.81
C ILE A 84 5.93 18.28 14.05
N MET A 85 5.08 17.41 14.57
CA MET A 85 3.77 17.15 14.01
C MET A 85 2.69 17.32 15.08
N ASP A 86 2.14 18.53 15.17
CA ASP A 86 1.10 18.90 16.12
C ASP A 86 -0.28 18.67 15.54
N ASN A 87 -1.27 18.56 16.43
CA ASN A 87 -2.64 18.24 16.05
C ASN A 87 -2.71 16.98 15.18
N PHE A 88 -1.89 16.00 15.52
CA PHE A 88 -1.80 14.78 14.73
C PHE A 88 -3.09 13.98 14.82
N GLN A 89 -3.59 13.52 13.68
CA GLN A 89 -4.79 12.70 13.66
C GLN A 89 -4.59 11.54 12.72
N LEU A 90 -4.89 10.35 13.21
CA LEU A 90 -4.83 9.11 12.44
C LEU A 90 -6.24 8.67 12.07
N LYS A 91 -6.39 8.13 10.87
CA LYS A 91 -7.65 7.58 10.40
C LYS A 91 -7.35 6.22 9.79
N THR A 92 -8.00 5.17 10.30
CA THR A 92 -7.81 3.82 9.79
C THR A 92 -8.94 3.43 8.84
N HIS A 93 -8.60 3.10 7.60
CA HIS A 93 -9.59 2.84 6.56
C HIS A 93 -9.85 1.36 6.33
N ASN A 94 -8.88 0.50 6.63
CA ASN A 94 -8.99 -0.91 6.28
C ASN A 94 -7.96 -1.68 7.12
N ILE A 95 -8.39 -2.80 7.70
CA ILE A 95 -7.50 -3.74 8.37
C ILE A 95 -7.70 -5.10 7.72
N VAL A 96 -6.64 -5.64 7.13
CA VAL A 96 -6.61 -6.99 6.56
C VAL A 96 -5.75 -7.82 7.50
N HIS A 97 -6.35 -8.79 8.20
CA HIS A 97 -5.66 -9.60 9.20
C HIS A 97 -5.60 -11.04 8.73
N ASP A 98 -4.38 -11.55 8.55
CA ASP A 98 -4.15 -12.94 8.17
C ASP A 98 -3.60 -13.67 9.40
N ALA A 99 -4.52 -14.16 10.25
CA ALA A 99 -4.11 -14.80 11.50
C ALA A 99 -3.31 -16.07 11.23
N ALA A 100 -3.72 -16.86 10.24
CA ALA A 100 -3.03 -18.09 9.90
C ALA A 100 -1.58 -17.83 9.54
N GLU A 101 -1.29 -16.70 8.90
CA GLU A 101 0.06 -16.38 8.49
C GLU A 101 0.74 -15.42 9.43
N ASN A 102 0.10 -15.11 10.57
CA ASN A 102 0.72 -14.30 11.61
C ASN A 102 1.16 -12.92 11.07
N LYS A 103 0.36 -12.35 10.18
CA LYS A 103 0.72 -11.08 9.55
C LYS A 103 -0.55 -10.31 9.20
N ALA A 104 -0.35 -9.05 8.80
CA ALA A 104 -1.48 -8.16 8.56
C ALA A 104 -1.07 -7.04 7.62
N ALA A 105 -2.07 -6.27 7.18
CA ALA A 105 -1.91 -5.09 6.35
C ALA A 105 -3.01 -4.10 6.73
N VAL A 106 -2.65 -2.84 6.88
CA VAL A 106 -3.62 -1.78 7.15
C VAL A 106 -3.44 -0.66 6.14
N TYR A 107 -4.50 0.12 5.96
CA TYR A 107 -4.45 1.38 5.19
C TYR A 107 -4.92 2.52 6.08
N CYS A 108 -4.07 3.53 6.24
CA CYS A 108 -4.34 4.64 7.12
C CYS A 108 -4.01 5.96 6.42
N SER A 109 -4.63 7.04 6.93
CA SER A 109 -4.37 8.39 6.47
C SER A 109 -4.10 9.27 7.69
N THR A 110 -3.33 10.34 7.50
CA THR A 110 -2.89 11.18 8.62
C THR A 110 -2.88 12.64 8.19
N THR A 111 -3.00 13.52 9.19
CA THR A 111 -2.88 14.96 9.04
C THR A 111 -2.15 15.50 10.26
N ALA A 112 -1.49 16.64 10.07
CA ALA A 112 -0.81 17.33 11.15
C ALA A 112 -0.43 18.72 10.66
N ASP A 113 -0.07 19.59 11.61
CA ASP A 113 0.59 20.84 11.30
C ASP A 113 2.07 20.67 11.65
N THR A 114 2.95 21.17 10.79
CA THR A 114 4.40 21.02 10.93
C THR A 114 5.11 22.35 10.77
N PRO A 115 6.40 22.42 11.18
CA PRO A 115 7.18 23.64 10.89
C PRO A 115 7.24 24.01 9.42
N PHE A 116 6.91 23.08 8.52
CA PHE A 116 6.99 23.30 7.08
C PHE A 116 5.62 23.56 6.43
N GLY A 117 4.56 23.66 7.22
CA GLY A 117 3.23 23.87 6.68
C GLY A 117 2.31 22.70 7.00
N PRO A 118 1.13 22.70 6.40
CA PRO A 118 0.19 21.60 6.66
C PRO A 118 0.69 20.31 6.02
N TYR A 119 0.39 19.21 6.70
CA TYR A 119 0.93 17.90 6.35
C TYR A 119 -0.22 16.93 6.17
N THR A 120 -0.16 16.14 5.11
CA THR A 120 -1.02 14.98 4.99
C THR A 120 -0.21 13.82 4.46
N ASN A 121 -0.64 12.62 4.78
CA ASN A 121 0.02 11.41 4.31
C ASN A 121 -0.98 10.27 4.33
N GLU A 122 -0.65 9.21 3.59
CA GLU A 122 -1.39 7.96 3.62
C GLU A 122 -0.38 6.81 3.61
N HIS A 123 -0.80 5.68 4.17
CA HIS A 123 0.11 4.60 4.51
C HIS A 123 -0.55 3.27 4.17
N ALA A 124 0.05 2.51 3.25
CA ALA A 124 -0.23 1.09 3.11
C ALA A 124 0.85 0.35 3.89
N ILE A 125 0.48 -0.20 5.05
CA ILE A 125 1.42 -0.76 6.02
C ILE A 125 1.23 -2.26 6.09
N PHE A 126 2.33 -3.00 6.05
CA PHE A 126 2.33 -4.45 6.18
C PHE A 126 3.03 -4.82 7.48
N LEU A 127 2.42 -5.71 8.25
CA LEU A 127 2.93 -6.07 9.57
C LEU A 127 3.13 -7.58 9.67
N TRP A 128 4.15 -7.97 10.45
CA TRP A 128 4.45 -9.35 10.81
C TRP A 128 4.65 -9.42 12.32
N PHE A 129 3.97 -10.36 12.97
CA PHE A 129 4.06 -10.46 14.42
C PHE A 129 5.04 -11.55 14.83
N ASN A 130 5.49 -11.48 16.08
CA ASN A 130 6.34 -12.52 16.63
C ASN A 130 5.52 -13.77 16.92
N GLU A 131 6.22 -14.79 17.41
CA GLU A 131 5.59 -16.10 17.66
C GLU A 131 4.47 -15.98 18.68
N ALA A 132 4.71 -15.25 19.78
CA ALA A 132 3.65 -15.02 20.77
C ALA A 132 2.52 -14.15 20.24
N GLY A 133 2.77 -13.34 19.21
CA GLY A 133 1.74 -12.46 18.69
C GLY A 133 1.50 -11.20 19.49
N ASP A 134 2.39 -10.87 20.42
CA ASP A 134 2.26 -9.66 21.21
C ASP A 134 3.22 -8.55 20.78
N LYS A 135 4.06 -8.81 19.77
CA LYS A 135 4.98 -7.80 19.26
C LYS A 135 4.92 -7.80 17.74
N ILE A 136 5.32 -6.69 17.14
CA ILE A 136 5.49 -6.62 15.71
C ILE A 136 6.97 -6.72 15.40
N VAL A 137 7.29 -7.51 14.38
CA VAL A 137 8.65 -7.94 14.11
C VAL A 137 9.22 -7.29 12.86
N LYS A 138 8.38 -6.90 11.91
CA LYS A 138 8.80 -6.37 10.63
C LYS A 138 7.70 -5.47 10.10
N ILE A 139 8.08 -4.30 9.56
CA ILE A 139 7.14 -3.34 9.00
C ILE A 139 7.64 -2.94 7.62
N GLU A 140 6.74 -3.00 6.63
CA GLU A 140 6.96 -2.46 5.29
C GLU A 140 5.79 -1.54 4.96
N GLU A 141 6.09 -0.33 4.49
CA GLU A 141 5.03 0.62 4.26
C GLU A 141 5.33 1.49 3.04
N MET A 142 4.26 1.82 2.31
CA MET A 142 4.31 2.63 1.11
C MET A 142 3.52 3.89 1.40
N PHE A 143 4.12 5.05 1.12
CA PHE A 143 3.56 6.34 1.52
C PHE A 143 2.95 7.07 0.32
N ASP A 144 2.34 8.20 0.62
CA ASP A 144 2.05 9.22 -0.39
C ASP A 144 3.39 9.81 -0.79
N GLN A 145 3.91 9.36 -1.94
CA GLN A 145 5.26 9.73 -2.34
C GLN A 145 5.37 11.20 -2.71
N PHE A 146 4.26 11.89 -2.93
CA PHE A 146 4.35 13.32 -3.17
C PHE A 146 4.53 14.10 -1.87
N THR A 147 3.90 13.66 -0.78
CA THR A 147 4.25 14.21 0.53
C THR A 147 5.73 13.96 0.84
N MET A 148 6.20 12.72 0.68
CA MET A 148 7.53 12.34 1.12
C MET A 148 8.62 13.03 0.33
N LYS A 149 8.36 13.32 -0.96
CA LYS A 149 9.33 14.05 -1.78
C LYS A 149 9.82 15.29 -1.06
N ASP A 150 8.90 16.07 -0.51
CA ASP A 150 9.24 17.29 0.22
C ASP A 150 9.53 17.04 1.70
N PHE A 151 8.70 16.23 2.36
CA PHE A 151 8.84 16.08 3.81
C PHE A 151 10.11 15.34 4.21
N ALA A 152 10.52 14.32 3.45
CA ALA A 152 11.66 13.52 3.88
C ALA A 152 12.94 14.34 4.02
N PRO A 153 13.32 15.23 3.08
CA PRO A 153 14.54 16.02 3.33
C PRO A 153 14.34 17.13 4.35
N GLN A 154 13.10 17.60 4.57
CA GLN A 154 12.87 18.59 5.62
C GLN A 154 13.08 17.97 7.00
N LEU A 155 12.53 16.77 7.22
CA LEU A 155 12.75 16.05 8.46
C LEU A 155 14.23 15.80 8.69
N GLU A 156 14.95 15.39 7.65
CA GLU A 156 16.36 15.05 7.79
C GLU A 156 17.17 16.27 8.19
N LYS A 157 16.93 17.41 7.56
CA LYS A 157 17.61 18.62 8.00
C LYS A 157 17.24 18.98 9.43
N TYR A 158 15.97 18.77 9.80
CA TYR A 158 15.54 19.09 11.16
C TYR A 158 16.21 18.16 12.17
N ALA A 159 16.30 16.87 11.85
CA ALA A 159 16.92 15.92 12.77
C ALA A 159 18.40 16.23 12.97
N GLN A 160 19.09 16.63 11.90
CA GLN A 160 20.50 16.97 12.00
C GLN A 160 20.71 18.22 12.83
N PHE A 161 19.82 19.19 12.69
CA PHE A 161 19.90 20.38 13.53
C PHE A 161 19.74 20.02 15.01
N ILE A 162 18.80 19.12 15.32
CA ILE A 162 18.58 18.71 16.71
C ILE A 162 19.82 18.02 17.26
N ASP A 163 20.46 17.17 16.45
CA ASP A 163 21.63 16.42 16.88
C ASP A 163 22.81 17.33 17.20
N LYS A 164 23.09 18.31 16.34
CA LYS A 164 24.13 19.29 16.64
C LYS A 164 23.81 20.03 17.94
N LYS A 165 22.55 20.36 18.17
CA LYS A 165 22.18 21.12 19.36
C LYS A 165 22.40 20.29 20.62
N ASN A 166 22.08 19.00 20.58
CA ASN A 166 22.22 18.16 21.76
C ASN A 166 23.68 17.78 21.99
N ALA A 167 24.38 17.40 20.91
CA ALA A 167 25.77 17.02 21.04
C ALA A 167 26.63 18.15 21.62
N ARG A 168 26.22 19.40 21.40
CA ARG A 168 26.98 20.56 21.89
C ARG A 168 26.63 20.95 23.33
N ALA A 169 25.59 20.37 23.91
CA ALA A 169 25.27 20.59 25.32
C ALA A 169 25.10 19.27 26.06
N PRO B 22 -20.06 -15.67 4.39
CA PRO B 22 -18.74 -15.58 3.74
C PRO B 22 -18.22 -16.93 3.29
N ALA B 23 -17.75 -17.03 2.04
CA ALA B 23 -17.27 -18.29 1.50
C ALA B 23 -16.10 -18.82 2.34
N PRO B 24 -15.84 -20.13 2.29
CA PRO B 24 -14.70 -20.68 3.04
C PRO B 24 -13.36 -20.19 2.50
N ALA B 25 -12.35 -20.26 3.38
CA ALA B 25 -11.08 -19.60 3.12
C ALA B 25 -10.46 -20.06 1.80
N HIS B 26 -10.46 -21.37 1.54
CA HIS B 26 -9.83 -21.90 0.34
C HIS B 26 -10.54 -21.48 -0.94
N VAL B 27 -11.83 -21.14 -0.87
CA VAL B 27 -12.50 -20.62 -2.06
C VAL B 27 -11.99 -19.22 -2.39
N GLN B 28 -11.94 -18.36 -1.37
CA GLN B 28 -11.45 -16.99 -1.57
C GLN B 28 -9.99 -16.97 -2.01
N ARG B 29 -9.24 -18.00 -1.64
CA ARG B 29 -7.81 -18.03 -1.95
C ARG B 29 -7.56 -18.50 -3.37
N ALA B 30 -8.35 -19.47 -3.84
CA ALA B 30 -8.32 -19.82 -5.25
C ALA B 30 -8.62 -18.61 -6.11
N THR B 31 -9.50 -17.72 -5.64
CA THR B 31 -9.78 -16.49 -6.40
C THR B 31 -8.52 -15.60 -6.45
N ILE B 32 -7.92 -15.33 -5.28
CA ILE B 32 -6.66 -14.58 -5.25
C ILE B 32 -5.64 -15.18 -6.21
N ASP B 33 -5.52 -16.52 -6.20
CA ASP B 33 -4.49 -17.18 -7.01
C ASP B 33 -4.77 -17.04 -8.51
N ALA B 34 -6.03 -17.15 -8.92
CA ALA B 34 -6.37 -16.94 -10.33
C ALA B 34 -6.17 -15.48 -10.75
N PHE B 35 -6.40 -14.54 -9.84
CA PHE B 35 -6.13 -13.13 -10.10
C PHE B 35 -4.66 -12.92 -10.47
N LEU B 36 -3.75 -13.29 -9.55
CA LEU B 36 -2.33 -13.09 -9.80
C LEU B 36 -1.84 -13.91 -10.98
N ASP B 37 -2.42 -15.10 -11.19
CA ASP B 37 -2.01 -15.91 -12.33
C ASP B 37 -2.47 -15.28 -13.64
N GLY B 38 -3.71 -14.81 -13.67
CA GLY B 38 -4.17 -14.08 -14.84
C GLY B 38 -3.32 -12.85 -15.12
N TRP B 39 -3.01 -12.08 -14.08
CA TRP B 39 -2.12 -10.94 -14.24
C TRP B 39 -0.81 -11.37 -14.89
N ASP B 40 -0.16 -12.37 -14.29
CA ASP B 40 1.06 -12.93 -14.86
C ASP B 40 0.86 -13.33 -16.33
N LYS B 41 -0.29 -13.94 -16.65
CA LYS B 41 -0.53 -14.35 -18.02
C LYS B 41 -0.59 -13.16 -18.98
N TRP B 42 -1.07 -11.99 -18.51
CA TRP B 42 -0.97 -10.75 -19.28
C TRP B 42 -1.75 -10.81 -20.59
N THR B 43 -3.00 -11.24 -20.49
CA THR B 43 -3.98 -11.08 -21.56
C THR B 43 -5.27 -10.56 -20.95
N PRO B 44 -6.05 -9.82 -21.73
CA PRO B 44 -7.33 -9.30 -21.19
C PRO B 44 -8.20 -10.39 -20.60
N GLU B 45 -8.37 -11.51 -21.32
CA GLU B 45 -9.28 -12.55 -20.88
C GLU B 45 -8.78 -13.22 -19.62
N ALA B 46 -7.49 -13.56 -19.58
CA ALA B 46 -6.92 -14.21 -18.41
C ALA B 46 -7.02 -13.32 -17.17
N PHE B 47 -6.53 -12.07 -17.28
CA PHE B 47 -6.52 -11.20 -16.11
C PHE B 47 -7.93 -10.91 -15.60
N LEU B 48 -8.89 -10.71 -16.49
CA LEU B 48 -10.19 -10.18 -16.09
C LEU B 48 -11.18 -11.24 -15.64
N ALA B 49 -10.81 -12.53 -15.72
CA ALA B 49 -11.75 -13.60 -15.41
C ALA B 49 -12.25 -13.56 -13.97
N THR B 50 -11.46 -13.01 -13.04
CA THR B 50 -11.87 -12.96 -11.65
C THR B 50 -12.57 -11.66 -11.28
N TRP B 51 -12.73 -10.73 -12.22
CA TRP B 51 -13.36 -9.46 -11.92
C TRP B 51 -14.87 -9.61 -12.08
N SER B 52 -15.61 -9.23 -11.03
CA SER B 52 -17.05 -9.16 -11.18
C SER B 52 -17.41 -8.18 -12.29
N GLU B 53 -18.67 -8.21 -12.71
CA GLU B 53 -19.06 -7.43 -13.88
C GLU B 53 -19.20 -5.95 -13.57
N ASP B 54 -19.33 -5.58 -12.29
CA ASP B 54 -19.32 -4.20 -11.85
C ASP B 54 -18.09 -3.86 -10.99
N CYS B 55 -17.02 -4.63 -11.12
CA CYS B 55 -15.85 -4.42 -10.28
C CYS B 55 -15.22 -3.05 -10.56
N THR B 56 -15.07 -2.23 -9.52
CA THR B 56 -14.43 -0.92 -9.60
C THR B 56 -12.95 -0.99 -9.25
N GLN B 57 -12.18 -0.04 -9.77
CA GLN B 57 -10.77 0.14 -9.44
C GLN B 57 -10.57 1.58 -8.94
N LYS B 58 -9.97 1.70 -7.77
CA LYS B 58 -9.73 3.00 -7.15
C LYS B 58 -8.23 3.16 -6.90
N THR B 59 -7.63 4.20 -7.51
CA THR B 59 -6.23 4.50 -7.33
C THR B 59 -6.01 5.24 -6.01
N LEU B 60 -5.10 4.75 -5.19
CA LEU B 60 -4.68 5.35 -3.94
C LEU B 60 -3.36 6.07 -4.15
N PRO B 61 -3.02 7.06 -3.31
CA PRO B 61 -3.77 7.65 -2.20
C PRO B 61 -5.02 8.42 -2.62
N TYR B 62 -6.00 8.49 -1.71
CA TYR B 62 -7.19 9.29 -1.93
C TYR B 62 -6.85 10.74 -2.23
N SER B 63 -5.80 11.26 -1.60
CA SER B 63 -5.38 12.65 -1.78
C SER B 63 -5.04 12.99 -3.22
N HIS B 64 -4.71 12.00 -4.05
CA HIS B 64 -4.45 12.30 -5.45
C HIS B 64 -5.74 12.40 -6.28
N ASN B 65 -6.89 12.14 -5.70
CA ASN B 65 -8.19 12.43 -6.33
C ASN B 65 -8.29 11.85 -7.73
N VAL B 66 -7.84 10.61 -7.88
CA VAL B 66 -7.98 9.89 -9.14
C VAL B 66 -9.39 9.30 -9.22
N PRO B 67 -10.17 9.57 -10.28
CA PRO B 67 -11.53 9.04 -10.33
C PRO B 67 -11.57 7.52 -10.44
N ILE B 68 -12.57 6.93 -9.79
CA ILE B 68 -12.80 5.49 -9.92
C ILE B 68 -12.85 5.10 -11.39
N ARG B 69 -12.27 3.95 -11.71
CA ARG B 69 -12.31 3.36 -13.05
C ARG B 69 -13.28 2.18 -13.03
N ASP B 70 -14.40 2.31 -13.75
CA ASP B 70 -15.40 1.27 -13.75
C ASP B 70 -15.04 0.13 -14.71
N ARG B 71 -15.85 -0.93 -14.68
CA ARG B 71 -15.49 -2.14 -15.40
C ARG B 71 -15.41 -1.91 -16.90
N ALA B 72 -16.28 -1.05 -17.46
CA ALA B 72 -16.23 -0.84 -18.90
C ALA B 72 -14.99 -0.07 -19.31
N ASN B 73 -14.57 0.89 -18.49
CA ASN B 73 -13.27 1.55 -18.71
C ASN B 73 -12.12 0.54 -18.62
N THR B 74 -12.13 -0.32 -17.59
CA THR B 74 -11.12 -1.37 -17.50
C THR B 74 -11.08 -2.22 -18.76
N ASN B 75 -12.25 -2.63 -19.28
CA ASN B 75 -12.26 -3.50 -20.46
C ASN B 75 -11.70 -2.81 -21.69
N HIS B 76 -11.87 -1.50 -21.80
CA HIS B 76 -11.25 -0.78 -22.92
C HIS B 76 -9.76 -0.57 -22.70
N LEU B 77 -9.35 -0.27 -21.47
CA LEU B 77 -7.96 0.06 -21.20
C LEU B 77 -7.04 -1.14 -21.43
N PHE B 78 -7.34 -2.28 -20.79
CA PHE B 78 -6.38 -3.38 -20.72
C PHE B 78 -5.86 -3.86 -22.07
N PRO B 79 -6.70 -4.09 -23.10
CA PRO B 79 -6.11 -4.54 -24.38
C PRO B 79 -5.10 -3.56 -24.94
N ILE B 80 -5.31 -2.25 -24.74
CA ILE B 80 -4.31 -1.28 -25.19
C ILE B 80 -3.08 -1.35 -24.28
N LEU B 81 -3.32 -1.31 -22.97
CA LEU B 81 -2.21 -1.37 -22.01
C LEU B 81 -1.31 -2.57 -22.27
N MET B 82 -1.91 -3.75 -22.38
CA MET B 82 -1.10 -4.96 -22.50
C MET B 82 -0.33 -4.98 -23.80
N SER B 83 -0.88 -4.37 -24.85
CA SER B 83 -0.22 -4.34 -26.15
C SER B 83 1.05 -3.52 -26.17
N ILE B 84 1.21 -2.55 -25.26
CA ILE B 84 2.42 -1.75 -25.24
C ILE B 84 3.35 -2.12 -24.10
N MET B 85 3.12 -3.26 -23.45
CA MET B 85 3.98 -3.71 -22.37
C MET B 85 4.44 -5.12 -22.70
N ASP B 86 5.56 -5.19 -23.43
CA ASP B 86 6.18 -6.42 -23.89
C ASP B 86 7.13 -6.94 -22.82
N ASN B 87 7.43 -8.25 -22.85
CA ASN B 87 8.34 -8.85 -21.88
C ASN B 87 7.86 -8.64 -20.45
N PHE B 88 6.54 -8.69 -20.24
CA PHE B 88 5.97 -8.36 -18.95
C PHE B 88 6.27 -9.45 -17.92
N GLN B 89 6.78 -9.05 -16.75
CA GLN B 89 7.09 -9.96 -15.65
C GLN B 89 6.41 -9.48 -14.39
N LEU B 90 5.60 -10.33 -13.78
CA LEU B 90 5.02 -10.08 -12.47
C LEU B 90 5.82 -10.79 -11.39
N LYS B 91 5.88 -10.17 -10.21
CA LYS B 91 6.51 -10.77 -9.04
C LYS B 91 5.62 -10.47 -7.84
N THR B 92 5.21 -11.50 -7.12
CA THR B 92 4.37 -11.32 -5.95
C THR B 92 5.24 -11.43 -4.70
N HIS B 93 5.18 -10.42 -3.83
CA HIS B 93 6.04 -10.38 -2.65
C HIS B 93 5.32 -10.80 -1.38
N ASN B 94 4.01 -10.66 -1.33
CA ASN B 94 3.27 -10.79 -0.08
C ASN B 94 1.78 -10.95 -0.41
N ILE B 95 1.13 -11.94 0.19
CA ILE B 95 -0.31 -12.12 0.11
C ILE B 95 -0.84 -12.16 1.54
N VAL B 96 -1.72 -11.22 1.88
CA VAL B 96 -2.37 -11.15 3.19
C VAL B 96 -3.85 -11.43 2.97
N HIS B 97 -4.37 -12.51 3.58
CA HIS B 97 -5.75 -12.94 3.38
C HIS B 97 -6.54 -12.88 4.69
N ASP B 98 -7.69 -12.19 4.66
CA ASP B 98 -8.58 -12.09 5.82
C ASP B 98 -9.90 -12.74 5.41
N ALA B 99 -10.00 -14.07 5.58
CA ALA B 99 -11.16 -14.79 5.07
C ALA B 99 -12.42 -14.44 5.85
N ALA B 100 -12.30 -14.27 7.17
CA ALA B 100 -13.42 -13.84 7.98
C ALA B 100 -14.02 -12.52 7.49
N GLU B 101 -13.23 -11.68 6.81
CA GLU B 101 -13.71 -10.39 6.34
C GLU B 101 -13.84 -10.32 4.82
N ASN B 102 -13.68 -11.44 4.12
CA ASN B 102 -13.90 -11.49 2.68
C ASN B 102 -13.06 -10.45 1.95
N LYS B 103 -11.80 -10.30 2.39
CA LYS B 103 -10.89 -9.24 1.99
C LYS B 103 -9.50 -9.82 1.73
N ALA B 104 -8.63 -9.02 1.12
CA ALA B 104 -7.24 -9.41 0.94
C ALA B 104 -6.40 -8.17 0.59
N ALA B 105 -5.08 -8.35 0.70
CA ALA B 105 -4.09 -7.38 0.24
C ALA B 105 -2.88 -8.12 -0.30
N VAL B 106 -2.37 -7.68 -1.45
CA VAL B 106 -1.11 -8.20 -1.98
C VAL B 106 -0.18 -7.04 -2.29
N TYR B 107 1.12 -7.36 -2.35
CA TYR B 107 2.14 -6.44 -2.83
C TYR B 107 2.92 -7.10 -3.95
N CYS B 108 3.00 -6.43 -5.10
CA CYS B 108 3.63 -6.97 -6.29
C CYS B 108 4.56 -5.95 -6.91
N SER B 109 5.51 -6.42 -7.71
CA SER B 109 6.34 -5.56 -8.53
C SER B 109 6.30 -6.09 -9.96
N THR B 110 6.61 -5.21 -10.92
CA THR B 110 6.54 -5.56 -12.34
C THR B 110 7.67 -4.89 -13.11
N THR B 111 7.99 -5.47 -14.26
CA THR B 111 8.85 -4.86 -15.26
C THR B 111 8.25 -5.12 -16.63
N ALA B 112 8.65 -4.32 -17.61
CA ALA B 112 8.26 -4.50 -19.01
C ALA B 112 9.08 -3.59 -19.89
N ASP B 113 9.04 -3.85 -21.19
CA ASP B 113 9.51 -2.92 -22.20
C ASP B 113 8.30 -2.27 -22.86
N THR B 114 8.31 -0.95 -22.95
CA THR B 114 7.23 -0.17 -23.52
C THR B 114 7.76 0.76 -24.59
N PRO B 115 6.88 1.31 -25.44
CA PRO B 115 7.36 2.28 -26.46
C PRO B 115 7.92 3.56 -25.85
N PHE B 116 7.78 3.76 -24.55
CA PHE B 116 8.32 4.92 -23.86
C PHE B 116 9.64 4.63 -23.13
N GLY B 117 10.22 3.46 -23.32
CA GLY B 117 11.41 3.04 -22.59
C GLY B 117 11.12 1.92 -21.62
N PRO B 118 12.09 1.58 -20.77
CA PRO B 118 11.86 0.56 -19.74
C PRO B 118 10.84 1.01 -18.70
N TYR B 119 10.09 0.04 -18.20
CA TYR B 119 9.05 0.28 -17.21
C TYR B 119 9.28 -0.59 -15.98
N THR B 120 9.08 0.00 -14.82
CA THR B 120 8.96 -0.74 -13.57
C THR B 120 7.82 -0.15 -12.76
N ASN B 121 7.17 -1.00 -11.97
CA ASN B 121 6.11 -0.54 -11.09
C ASN B 121 6.03 -1.46 -9.89
N GLU B 122 5.43 -0.93 -8.83
CA GLU B 122 5.08 -1.70 -7.65
C GLU B 122 3.66 -1.35 -7.26
N HIS B 123 2.97 -2.33 -6.68
CA HIS B 123 1.53 -2.29 -6.49
C HIS B 123 1.19 -2.84 -5.10
N ALA B 124 0.62 -1.98 -4.25
CA ALA B 124 -0.05 -2.40 -3.02
C ALA B 124 -1.55 -2.44 -3.32
N ILE B 125 -2.11 -3.64 -3.45
CA ILE B 125 -3.50 -3.82 -3.91
C ILE B 125 -4.34 -4.42 -2.80
N PHE B 126 -5.53 -3.85 -2.59
CA PHE B 126 -6.51 -4.37 -1.65
C PHE B 126 -7.71 -4.87 -2.44
N LEU B 127 -8.11 -6.11 -2.17
CA LEU B 127 -9.20 -6.78 -2.87
C LEU B 127 -10.37 -7.01 -1.93
N TRP B 128 -11.57 -7.04 -2.50
CA TRP B 128 -12.77 -7.48 -1.81
C TRP B 128 -13.51 -8.45 -2.71
N PHE B 129 -13.98 -9.55 -2.14
CA PHE B 129 -14.66 -10.56 -2.95
C PHE B 129 -16.18 -10.43 -2.82
N ASN B 130 -16.89 -11.09 -3.73
CA ASN B 130 -18.34 -11.20 -3.63
C ASN B 130 -18.70 -12.24 -2.58
N GLU B 131 -20.01 -12.49 -2.42
CA GLU B 131 -20.45 -13.40 -1.37
C GLU B 131 -20.06 -14.84 -1.69
N ALA B 132 -20.11 -15.23 -2.97
CA ALA B 132 -19.72 -16.57 -3.35
C ALA B 132 -18.22 -16.82 -3.20
N GLY B 133 -17.43 -15.75 -3.07
CA GLY B 133 -15.98 -15.87 -2.99
C GLY B 133 -15.28 -16.17 -4.30
N ASP B 134 -15.98 -16.11 -5.43
CA ASP B 134 -15.39 -16.49 -6.70
C ASP B 134 -15.03 -15.29 -7.58
N LYS B 135 -15.40 -14.07 -7.18
CA LYS B 135 -15.17 -12.88 -7.99
C LYS B 135 -14.69 -11.73 -7.10
N ILE B 136 -13.87 -10.86 -7.67
CA ILE B 136 -13.42 -9.66 -6.98
C ILE B 136 -14.32 -8.52 -7.43
N VAL B 137 -14.84 -7.75 -6.47
CA VAL B 137 -15.82 -6.72 -6.75
C VAL B 137 -15.30 -5.32 -6.49
N LYS B 138 -14.16 -5.18 -5.82
CA LYS B 138 -13.64 -3.88 -5.45
C LYS B 138 -12.14 -4.01 -5.30
N ILE B 139 -11.41 -3.07 -5.90
CA ILE B 139 -9.95 -3.04 -5.89
C ILE B 139 -9.51 -1.62 -5.57
N GLU B 140 -8.61 -1.48 -4.60
CA GLU B 140 -7.94 -0.21 -4.28
C GLU B 140 -6.44 -0.46 -4.38
N GLU B 141 -5.73 0.39 -5.12
CA GLU B 141 -4.31 0.13 -5.33
C GLU B 141 -3.47 1.40 -5.33
N MET B 142 -2.29 1.27 -4.71
CA MET B 142 -1.30 2.33 -4.62
C MET B 142 -0.10 1.92 -5.45
N PHE B 143 0.33 2.81 -6.35
CA PHE B 143 1.41 2.54 -7.31
C PHE B 143 2.74 3.16 -6.86
N ASP B 144 3.79 2.87 -7.63
CA ASP B 144 5.03 3.63 -7.59
C ASP B 144 4.69 4.95 -8.28
N GLN B 145 4.38 5.96 -7.47
CA GLN B 145 3.86 7.22 -7.96
C GLN B 145 4.82 7.93 -8.90
N PHE B 146 6.12 7.58 -8.86
CA PHE B 146 7.07 8.21 -9.78
C PHE B 146 7.08 7.54 -11.15
N THR B 147 6.83 6.23 -11.23
CA THR B 147 6.48 5.65 -12.52
C THR B 147 5.23 6.33 -13.09
N MET B 148 4.17 6.42 -12.29
CA MET B 148 2.87 6.84 -12.82
C MET B 148 2.87 8.30 -13.26
N LYS B 149 3.73 9.13 -12.66
CA LYS B 149 3.82 10.54 -13.06
C LYS B 149 4.06 10.68 -14.55
N ASP B 150 4.96 9.87 -15.10
CA ASP B 150 5.26 9.92 -16.53
C ASP B 150 4.37 8.98 -17.33
N PHE B 151 4.17 7.76 -16.83
CA PHE B 151 3.50 6.72 -17.62
C PHE B 151 2.02 7.03 -17.83
N ALA B 152 1.34 7.54 -16.80
CA ALA B 152 -0.11 7.77 -16.93
C ALA B 152 -0.45 8.70 -18.08
N PRO B 153 0.18 9.88 -18.23
CA PRO B 153 -0.10 10.69 -19.42
C PRO B 153 0.34 10.03 -20.71
N GLN B 154 1.47 9.32 -20.71
CA GLN B 154 1.90 8.63 -21.93
C GLN B 154 0.86 7.61 -22.35
N LEU B 155 0.35 6.86 -21.40
CA LEU B 155 -0.63 5.82 -21.71
C LEU B 155 -1.95 6.42 -22.17
N GLU B 156 -2.40 7.51 -21.53
CA GLU B 156 -3.63 8.16 -21.96
C GLU B 156 -3.53 8.64 -23.41
N LYS B 157 -2.43 9.29 -23.76
CA LYS B 157 -2.31 9.74 -25.14
C LYS B 157 -2.15 8.58 -26.11
N TYR B 158 -1.51 7.48 -25.68
CA TYR B 158 -1.50 6.30 -26.53
C TYR B 158 -2.91 5.76 -26.76
N ALA B 159 -3.74 5.78 -25.71
CA ALA B 159 -5.09 5.23 -25.84
C ALA B 159 -5.98 6.11 -26.71
N GLN B 160 -5.79 7.42 -26.63
CA GLN B 160 -6.52 8.33 -27.51
C GLN B 160 -6.11 8.13 -28.96
N PHE B 161 -4.82 7.84 -29.20
CA PHE B 161 -4.35 7.59 -30.56
C PHE B 161 -4.98 6.32 -31.14
N ILE B 162 -5.00 5.24 -30.35
CA ILE B 162 -5.65 4.00 -30.80
C ILE B 162 -7.12 4.22 -31.09
N ASP B 163 -7.82 4.98 -30.23
CA ASP B 163 -9.25 5.21 -30.45
C ASP B 163 -9.49 6.01 -31.74
N LYS B 164 -8.59 6.93 -32.08
CA LYS B 164 -8.70 7.63 -33.36
C LYS B 164 -8.45 6.70 -34.54
N LYS B 165 -7.44 5.84 -34.43
CA LYS B 165 -7.13 4.90 -35.51
C LYS B 165 -8.29 3.95 -35.74
N ASN B 166 -8.87 3.42 -34.66
CA ASN B 166 -9.97 2.47 -34.80
C ASN B 166 -11.23 3.14 -35.34
N ALA B 167 -11.56 4.33 -34.84
CA ALA B 167 -12.77 5.01 -35.30
C ALA B 167 -12.72 5.26 -36.81
N ARG B 168 -11.63 5.84 -37.30
CA ARG B 168 -11.38 6.00 -38.73
C ARG B 168 -11.14 4.63 -39.36
N ALA B 169 -12.20 3.80 -39.40
CA ALA B 169 -12.18 2.47 -39.99
C ALA B 169 -13.59 1.85 -40.00
#